data_6R9L
#
_entry.id   6R9L
#
_entity_poly.entity_id   1
_entity_poly.type   'polydeoxyribonucleotide'
_entity_poly.pdbx_seq_one_letter_code
;(DG)(DC)(DG)(DT)(DG)(DG)(DG)(DT)(DC)(DA)(DG)(DG)(DG)(DT)(BGM)(DG)(DG)(DT)(BGM)
(DG)(DG)(DA)(DC)(DG)(DC)
;
_entity_poly.pdbx_strand_id   A
#